data_4NL1
#
_entry.id   4NL1
#
_cell.length_a   98.798
_cell.length_b   98.798
_cell.length_c   263.278
_cell.angle_alpha   90.000
_cell.angle_beta   90.000
_cell.angle_gamma   120.000
#
_symmetry.space_group_name_H-M   'P 62 2 2'
#
loop_
_entity.id
_entity.type
_entity.pdbx_description
1 polymer 'Dihydropteroate Synthase'
2 non-polymer (E)-N-[4-(trifluoromethyl)benzyl]-1-[4-(trifluoromethyl)phenyl]methanimine
3 non-polymer 'SULFATE ION'
4 water water
#
_entity_poly.entity_id   1
_entity_poly.type   'polypeptide(L)'
_entity_poly.pdbx_seq_one_letter_code
;MGSSHHHHHHSSGLVPRGSHMKWDYDLRCGEYTLNLNEKTLIMGILNVTPDSFSDGGSYNEVDAAVRHAKEMRDEGAHII
DIGGESTRPGFAKVSVEEEIKRVVPMIQAVSKEVKLPISIDTYKAEVAKQAIEAGAHIINDIWGAKAEPKIAEVAAHYDV
PIILMHNRDNMNYRNLMADMIADLYDSIKIAKDAGVRDENIILDPGIGFAKTPEQNLEAMRNLEQLNVLGYPVLLGTSRK
SFIGHVLDLPVEERLEGTGATVCLGIEKGCEFVRVHDVKEMSRMAKMMDAMIGKGVK
;
_entity_poly.pdbx_strand_id   A,B
#
loop_
_chem_comp.id
_chem_comp.type
_chem_comp.name
_chem_comp.formula
SO4 non-polymer 'SULFATE ION' 'O4 S -2'
Z13 non-polymer (E)-N-[4-(trifluoromethyl)benzyl]-1-[4-(trifluoromethyl)phenyl]methanimine 'C16 H11 F6 N'
#
# COMPACT_ATOMS: atom_id res chain seq x y z
N LYS A 22 -22.46 -29.33 20.43
CA LYS A 22 -22.72 -28.22 21.41
C LYS A 22 -23.44 -27.04 20.79
N TRP A 23 -22.88 -26.47 19.74
CA TRP A 23 -23.52 -25.32 19.08
C TRP A 23 -24.30 -25.85 17.91
N ASP A 24 -25.59 -25.61 17.91
CA ASP A 24 -26.44 -26.14 16.83
C ASP A 24 -26.62 -25.10 15.73
N TYR A 25 -25.74 -24.12 15.70
CA TYR A 25 -25.65 -23.19 14.58
C TYR A 25 -24.19 -22.80 14.33
N ASP A 26 -23.93 -22.25 13.14
CA ASP A 26 -22.68 -21.62 12.75
C ASP A 26 -22.81 -20.09 12.83
N LEU A 27 -21.70 -19.41 13.03
CA LEU A 27 -21.69 -17.97 13.04
C LEU A 27 -21.64 -17.48 11.59
N ARG A 28 -22.70 -16.81 11.16
CA ARG A 28 -22.86 -16.32 9.79
C ARG A 28 -22.23 -14.92 9.64
N CYS A 29 -21.18 -14.83 8.81
CA CYS A 29 -20.44 -13.58 8.61
C CYS A 29 -20.40 -13.21 7.13
N GLY A 30 -21.60 -13.02 6.57
CA GLY A 30 -21.77 -12.67 5.15
C GLY A 30 -21.11 -13.71 4.28
N GLU A 31 -20.03 -13.34 3.61
CA GLU A 31 -19.35 -14.27 2.71
C GLU A 31 -18.64 -15.38 3.44
N TYR A 32 -18.28 -15.17 4.71
CA TYR A 32 -17.59 -16.18 5.50
C TYR A 32 -18.51 -16.82 6.51
N THR A 33 -18.22 -18.08 6.88
CA THR A 33 -18.95 -18.79 7.92
C THR A 33 -17.96 -19.43 8.90
N LEU A 34 -18.12 -19.14 10.19
CA LEU A 34 -17.28 -19.74 11.25
C LEU A 34 -18.01 -20.85 12.03
N ASN A 35 -17.43 -22.04 12.01
CA ASN A 35 -17.91 -23.14 12.80
C ASN A 35 -17.44 -23.00 14.23
N LEU A 36 -18.39 -23.17 15.16
CA LEU A 36 -18.12 -22.97 16.58
C LEU A 36 -17.73 -24.24 17.34
N ASN A 37 -17.81 -25.40 16.68
CA ASN A 37 -17.46 -26.68 17.31
C ASN A 37 -16.12 -27.31 16.91
N GLU A 38 -15.67 -27.12 15.67
CA GLU A 38 -14.46 -27.81 15.23
C GLU A 38 -13.15 -27.31 15.93
N LYS A 39 -13.05 -26.04 16.27
CA LYS A 39 -11.81 -25.55 16.89
C LYS A 39 -11.97 -24.17 17.51
N THR A 40 -11.12 -23.85 18.48
CA THR A 40 -11.03 -22.51 19.00
C THR A 40 -10.61 -21.56 17.89
N LEU A 41 -11.39 -20.48 17.74
CA LEU A 41 -11.21 -19.52 16.67
C LEU A 41 -10.28 -18.43 17.18
N ILE A 42 -9.31 -18.07 16.36
CA ILE A 42 -8.25 -17.15 16.72
C ILE A 42 -8.55 -15.83 16.06
N MET A 43 -8.71 -14.78 16.88
CA MET A 43 -8.92 -13.41 16.41
C MET A 43 -7.66 -12.63 16.56
N GLY A 44 -7.11 -12.18 15.42
CA GLY A 44 -5.80 -11.50 15.41
C GLY A 44 -5.96 -10.02 15.57
N ILE A 45 -5.19 -9.42 16.45
CA ILE A 45 -5.35 -8.01 16.79
C ILE A 45 -4.55 -7.11 15.85
N LEU A 46 -5.26 -6.25 15.12
CA LEU A 46 -4.65 -5.20 14.31
C LEU A 46 -4.98 -3.83 14.92
N ASN A 47 -3.95 -3.19 15.48
CA ASN A 47 -4.03 -1.77 15.86
C ASN A 47 -3.44 -0.90 14.73
N VAL A 48 -4.19 0.14 14.36
CA VAL A 48 -3.70 1.17 13.45
C VAL A 48 -2.35 1.73 13.91
N THR A 49 -1.41 1.91 13.01
CA THR A 49 -0.25 2.75 13.28
C THR A 49 -0.46 4.05 12.52
N PRO A 50 -0.95 5.11 13.19
CA PRO A 50 -1.32 6.29 12.41
C PRO A 50 -0.11 7.07 11.89
N ASP A 51 -0.14 7.43 10.61
CA ASP A 51 0.76 8.42 10.07
C ASP A 51 0.49 9.75 10.75
N SER A 52 1.51 10.33 11.35
CA SER A 52 1.49 11.75 11.64
C SER A 52 1.41 12.40 10.25
N PHE A 53 1.04 13.68 10.18
CA PHE A 53 0.90 14.36 8.90
C PHE A 53 -0.30 13.97 8.05
N SER A 54 -1.13 13.03 8.48
CA SER A 54 -2.40 12.81 7.79
C SER A 54 -3.47 12.23 8.72
N ASP A 55 -4.73 12.47 8.35
CA ASP A 55 -5.90 11.97 9.12
C ASP A 55 -6.34 10.56 8.68
N GLY A 56 -5.56 9.94 7.77
CA GLY A 56 -5.74 8.52 7.41
C GLY A 56 -5.83 8.25 5.92
N GLY A 57 -5.66 6.98 5.54
CA GLY A 57 -5.76 6.56 4.16
C GLY A 57 -4.42 6.57 3.41
N SER A 58 -3.33 6.91 4.08
CA SER A 58 -2.02 6.99 3.46
C SER A 58 -1.46 5.63 3.18
N TYR A 59 -0.48 5.62 2.27
CA TYR A 59 0.14 4.40 1.81
C TYR A 59 0.85 3.69 2.93
N ASN A 60 1.61 4.39 3.75
CA ASN A 60 2.44 3.70 4.75
C ASN A 60 1.56 3.03 5.80
N GLU A 61 0.50 3.75 6.18
CA GLU A 61 -0.41 3.34 7.20
C GLU A 61 -1.24 2.11 6.75
N VAL A 62 -1.94 2.22 5.63
CA VAL A 62 -2.78 1.15 5.14
C VAL A 62 -1.95 -0.09 4.74
N ASP A 63 -0.77 0.11 4.16
CA ASP A 63 0.08 -1.02 3.77
C ASP A 63 0.68 -1.77 4.98
N ALA A 64 1.00 -1.02 6.03
CA ALA A 64 1.40 -1.64 7.28
C ALA A 64 0.22 -2.48 7.85
N ALA A 65 -0.98 -1.93 7.87
CA ALA A 65 -2.16 -2.71 8.27
C ALA A 65 -2.38 -3.97 7.40
N VAL A 66 -2.28 -3.82 6.08
CA VAL A 66 -2.53 -4.95 5.18
C VAL A 66 -1.46 -6.03 5.41
N ARG A 67 -0.20 -5.59 5.53
CA ARG A 67 0.92 -6.55 5.62
C ARG A 67 0.76 -7.37 6.89
N HIS A 68 0.41 -6.70 7.98
CA HIS A 68 0.17 -7.36 9.25
C HIS A 68 -1.03 -8.34 9.19
N ALA A 69 -2.11 -7.96 8.50
CA ALA A 69 -3.26 -8.88 8.37
C ALA A 69 -2.88 -10.13 7.61
N LYS A 70 -2.01 -9.98 6.61
CA LYS A 70 -1.54 -11.11 5.81
C LYS A 70 -0.69 -12.08 6.63
N GLU A 71 0.23 -11.54 7.40
CA GLU A 71 1.04 -12.33 8.32
C GLU A 71 0.14 -13.13 9.30
N MET A 72 -0.83 -12.48 9.91
CA MET A 72 -1.71 -13.15 10.87
C MET A 72 -2.57 -14.19 10.20
N ARG A 73 -3.03 -13.91 8.98
CA ARG A 73 -3.77 -14.89 8.22
C ARG A 73 -2.87 -16.11 7.99
N ASP A 74 -1.62 -15.86 7.58
CA ASP A 74 -0.65 -16.93 7.36
C ASP A 74 -0.30 -17.69 8.61
N GLU A 75 -0.40 -17.04 9.76
CA GLU A 75 -0.05 -17.67 11.01
C GLU A 75 -1.22 -18.40 11.70
N GLY A 76 -2.40 -18.40 11.08
CA GLY A 76 -3.56 -19.18 11.56
C GLY A 76 -4.75 -18.42 12.13
N ALA A 77 -4.72 -17.09 12.02
CA ALA A 77 -5.85 -16.27 12.46
C ALA A 77 -7.11 -16.56 11.64
N HIS A 78 -8.27 -16.62 12.29
CA HIS A 78 -9.53 -16.85 11.59
C HIS A 78 -10.29 -15.54 11.42
N ILE A 79 -9.92 -14.52 12.20
CA ILE A 79 -10.61 -13.23 12.18
C ILE A 79 -9.56 -12.15 12.37
N ILE A 80 -9.72 -11.06 11.64
CA ILE A 80 -8.85 -9.91 11.81
C ILE A 80 -9.67 -8.81 12.48
N ASP A 81 -9.18 -8.34 13.63
CA ASP A 81 -9.87 -7.36 14.45
C ASP A 81 -9.19 -6.01 14.32
N ILE A 82 -9.93 -5.02 13.83
CA ILE A 82 -9.31 -3.74 13.46
C ILE A 82 -9.79 -2.61 14.36
N GLY A 83 -8.84 -1.90 14.98
CA GLY A 83 -9.13 -0.77 15.87
C GLY A 83 -8.49 0.58 15.50
N GLY A 84 -9.33 1.61 15.45
CA GLY A 84 -8.85 2.98 15.30
C GLY A 84 -8.31 3.50 16.61
N GLU A 85 -8.30 4.81 16.75
CA GLU A 85 -7.59 5.44 17.88
C GLU A 85 -8.41 5.59 19.15
N SER A 86 -9.73 5.64 19.02
CA SER A 86 -10.65 5.76 20.16
C SER A 86 -10.59 4.56 21.12
N THR A 87 -10.28 3.39 20.55
CA THR A 87 -10.34 2.14 21.30
C THR A 87 -8.96 1.81 21.91
N ARG A 88 -8.96 0.82 22.79
CA ARG A 88 -7.74 0.18 23.32
C ARG A 88 -6.62 -0.07 22.26
N PRO A 89 -5.34 0.06 22.65
CA PRO A 89 -4.87 0.42 24.00
C PRO A 89 -4.78 1.93 24.26
N GLY A 90 -4.94 2.74 23.20
CA GLY A 90 -4.64 4.17 23.28
C GLY A 90 -5.66 5.05 23.99
N PHE A 91 -6.95 4.82 23.71
CA PHE A 91 -8.08 5.61 24.27
C PHE A 91 -8.06 7.13 23.97
N ALA A 92 -7.57 7.54 22.80
CA ALA A 92 -7.52 8.97 22.44
C ALA A 92 -8.94 9.62 22.33
N LYS A 93 -9.06 10.88 22.77
CA LYS A 93 -10.31 11.65 22.61
C LYS A 93 -10.35 12.18 21.19
N VAL A 94 -10.98 11.42 20.30
CA VAL A 94 -10.99 11.71 18.87
C VAL A 94 -12.40 11.50 18.28
N SER A 95 -12.78 12.37 17.35
CA SER A 95 -14.16 12.46 16.87
C SER A 95 -14.51 11.28 15.98
N VAL A 96 -15.79 11.08 15.75
CA VAL A 96 -16.23 10.01 14.86
C VAL A 96 -15.89 10.37 13.40
N GLU A 97 -15.95 11.66 13.05
CA GLU A 97 -15.47 12.17 11.74
C GLU A 97 -14.02 11.81 11.43
N GLU A 98 -13.14 12.00 12.42
CA GLU A 98 -11.71 11.69 12.27
C GLU A 98 -11.43 10.20 12.28
N GLU A 99 -12.12 9.49 13.17
CA GLU A 99 -11.96 8.05 13.32
C GLU A 99 -12.35 7.29 12.03
N ILE A 100 -13.33 7.82 11.30
CA ILE A 100 -13.80 7.18 10.07
C ILE A 100 -12.78 7.34 8.94
N LYS A 101 -12.17 8.50 8.82
CA LYS A 101 -11.13 8.71 7.80
C LYS A 101 -9.92 7.81 8.02
N ARG A 102 -9.75 7.33 9.25
CA ARG A 102 -8.64 6.45 9.60
C ARG A 102 -9.03 4.97 9.45
N VAL A 103 -10.20 4.60 9.97
CA VAL A 103 -10.54 3.20 10.11
C VAL A 103 -11.11 2.62 8.79
N VAL A 104 -11.92 3.38 8.07
CA VAL A 104 -12.51 2.92 6.79
C VAL A 104 -11.48 2.47 5.71
N PRO A 105 -10.43 3.28 5.46
CA PRO A 105 -9.43 2.84 4.47
C PRO A 105 -8.75 1.54 4.86
N MET A 106 -8.56 1.30 6.15
CA MET A 106 -7.97 0.05 6.58
C MET A 106 -8.90 -1.12 6.25
N ILE A 107 -10.19 -0.95 6.52
CA ILE A 107 -11.17 -2.01 6.28
C ILE A 107 -11.35 -2.31 4.79
N GLN A 108 -11.49 -1.28 3.98
CA GLN A 108 -11.52 -1.45 2.52
C GLN A 108 -10.31 -2.25 1.99
N ALA A 109 -9.09 -1.91 2.39
CA ALA A 109 -7.91 -2.60 1.85
C ALA A 109 -7.76 -4.02 2.39
N VAL A 110 -7.89 -4.18 3.70
CA VAL A 110 -7.80 -5.51 4.32
C VAL A 110 -8.91 -6.41 3.82
N SER A 111 -10.14 -5.92 3.74
CA SER A 111 -11.23 -6.78 3.27
C SER A 111 -11.01 -7.23 1.85
N LYS A 112 -10.54 -6.32 1.00
CA LYS A 112 -10.18 -6.67 -0.37
C LYS A 112 -9.05 -7.70 -0.44
N GLU A 113 -7.98 -7.50 0.33
CA GLU A 113 -6.75 -8.27 0.16
C GLU A 113 -6.50 -9.47 1.09
N VAL A 114 -7.36 -9.68 2.09
CA VAL A 114 -7.22 -10.80 3.03
C VAL A 114 -8.55 -11.50 3.19
N LYS A 115 -8.66 -12.75 2.75
CA LYS A 115 -9.93 -13.48 2.73
C LYS A 115 -10.31 -14.05 4.09
N LEU A 116 -10.66 -13.13 4.98
CA LEU A 116 -10.95 -13.43 6.38
C LEU A 116 -12.05 -12.51 6.90
N PRO A 117 -12.91 -13.00 7.81
CA PRO A 117 -13.85 -12.02 8.33
C PRO A 117 -13.13 -10.97 9.16
N ILE A 118 -13.70 -9.77 9.18
CA ILE A 118 -13.15 -8.61 9.84
C ILE A 118 -14.11 -8.11 10.90
N SER A 119 -13.59 -7.84 12.09
CA SER A 119 -14.37 -7.18 13.15
C SER A 119 -13.84 -5.77 13.39
N ILE A 120 -14.77 -4.87 13.71
CA ILE A 120 -14.45 -3.48 13.99
C ILE A 120 -14.54 -3.33 15.52
N ASP A 121 -13.38 -3.00 16.10
CA ASP A 121 -13.26 -2.79 17.53
C ASP A 121 -13.65 -1.35 17.85
N THR A 122 -14.95 -1.08 17.95
CA THR A 122 -15.43 0.25 18.34
C THR A 122 -16.67 0.12 19.27
N TYR A 123 -16.89 1.12 20.13
CA TYR A 123 -18.12 1.24 20.92
C TYR A 123 -19.06 2.28 20.32
N LYS A 124 -18.68 2.88 19.19
CA LYS A 124 -19.41 4.02 18.60
C LYS A 124 -20.34 3.57 17.48
N ALA A 125 -21.61 3.92 17.60
CA ALA A 125 -22.60 3.46 16.63
C ALA A 125 -22.22 3.91 15.24
N GLU A 126 -21.88 5.19 15.07
CA GLU A 126 -21.59 5.66 13.71
C GLU A 126 -20.35 5.00 13.07
N VAL A 127 -19.33 4.72 13.88
CA VAL A 127 -18.12 4.08 13.37
C VAL A 127 -18.43 2.64 12.95
N ALA A 128 -19.21 1.95 13.77
CA ALA A 128 -19.61 0.59 13.46
C ALA A 128 -20.31 0.57 12.11
N LYS A 129 -21.25 1.48 11.93
CA LYS A 129 -22.02 1.56 10.70
C LYS A 129 -21.07 1.69 9.49
N GLN A 130 -20.24 2.74 9.49
CA GLN A 130 -19.26 2.94 8.39
C GLN A 130 -18.39 1.72 8.19
N ALA A 131 -17.91 1.14 9.28
CA ALA A 131 -16.97 0.05 9.14
C ALA A 131 -17.62 -1.12 8.41
N ILE A 132 -18.90 -1.36 8.67
CA ILE A 132 -19.59 -2.46 8.00
C ILE A 132 -19.86 -2.09 6.53
N GLU A 133 -20.21 -0.84 6.26
CA GLU A 133 -20.47 -0.39 4.88
C GLU A 133 -19.18 -0.57 4.07
N ALA A 134 -18.05 -0.34 4.74
CA ALA A 134 -16.74 -0.47 4.15
C ALA A 134 -16.26 -1.92 4.07
N GLY A 135 -16.99 -2.86 4.68
CA GLY A 135 -16.67 -4.30 4.55
C GLY A 135 -16.46 -5.12 5.82
N ALA A 136 -16.52 -4.47 6.99
CA ALA A 136 -16.42 -5.19 8.26
C ALA A 136 -17.63 -6.11 8.46
N HIS A 137 -17.41 -7.27 9.07
CA HIS A 137 -18.41 -8.35 9.22
C HIS A 137 -18.95 -8.54 10.62
N ILE A 138 -18.21 -8.09 11.62
CA ILE A 138 -18.50 -8.34 13.04
C ILE A 138 -18.24 -7.06 13.79
N ILE A 139 -19.04 -6.78 14.82
CA ILE A 139 -18.79 -5.64 15.69
C ILE A 139 -18.25 -6.12 17.03
N ASN A 140 -17.20 -5.45 17.49
CA ASN A 140 -16.54 -5.76 18.75
C ASN A 140 -16.58 -4.52 19.68
N ASP A 141 -17.52 -4.55 20.65
CA ASP A 141 -17.80 -3.40 21.53
C ASP A 141 -17.31 -3.58 22.98
N ILE A 142 -16.25 -2.89 23.38
CA ILE A 142 -15.73 -2.97 24.75
C ILE A 142 -16.65 -2.37 25.82
N TRP A 143 -17.72 -1.71 25.38
CA TRP A 143 -18.72 -1.18 26.32
C TRP A 143 -20.03 -1.94 26.31
N GLY A 144 -20.09 -3.04 25.57
CA GLY A 144 -21.25 -3.94 25.66
C GLY A 144 -22.58 -3.28 25.32
N ALA A 145 -22.52 -2.35 24.36
CA ALA A 145 -23.67 -1.60 23.91
C ALA A 145 -24.21 -0.63 24.96
N LYS A 146 -23.48 -0.43 26.05
CA LYS A 146 -23.86 0.58 27.07
C LYS A 146 -23.34 2.01 26.82
N ALA A 147 -22.25 2.19 26.10
CA ALA A 147 -21.77 3.55 25.83
C ALA A 147 -22.63 4.22 24.77
N GLU A 148 -23.00 3.47 23.73
CA GLU A 148 -23.86 4.00 22.66
C GLU A 148 -24.83 2.95 22.16
N PRO A 149 -25.98 2.80 22.86
CA PRO A 149 -27.00 1.78 22.58
C PRO A 149 -27.39 1.63 21.12
N LYS A 150 -27.43 2.75 20.39
CA LYS A 150 -27.64 2.74 18.94
C LYS A 150 -26.73 1.73 18.21
N ILE A 151 -25.57 1.40 18.79
CA ILE A 151 -24.71 0.39 18.17
C ILE A 151 -25.41 -0.96 18.03
N ALA A 152 -26.33 -1.28 18.93
CA ALA A 152 -27.08 -2.51 18.86
C ALA A 152 -28.06 -2.43 17.72
N GLU A 153 -28.69 -1.26 17.55
CA GLU A 153 -29.57 -1.01 16.38
C GLU A 153 -28.78 -1.17 15.06
N VAL A 154 -27.57 -0.60 14.98
CA VAL A 154 -26.73 -0.83 13.81
C VAL A 154 -26.55 -2.32 13.63
N ALA A 155 -26.19 -3.02 14.71
CA ALA A 155 -25.93 -4.46 14.61
C ALA A 155 -27.16 -5.17 14.07
N ALA A 156 -28.32 -4.80 14.63
CA ALA A 156 -29.59 -5.45 14.28
C ALA A 156 -29.90 -5.27 12.79
N HIS A 157 -29.77 -4.04 12.33
CA HIS A 157 -30.02 -3.71 10.93
C HIS A 157 -29.15 -4.46 9.91
N TYR A 158 -27.81 -4.43 10.07
CA TYR A 158 -26.92 -5.15 9.14
C TYR A 158 -26.92 -6.66 9.37
N ASP A 159 -27.52 -7.11 10.47
CA ASP A 159 -27.64 -8.53 10.78
C ASP A 159 -26.28 -9.20 11.01
N VAL A 160 -25.35 -8.46 11.62
CA VAL A 160 -24.00 -8.97 11.94
C VAL A 160 -23.77 -9.41 13.41
N PRO A 161 -22.77 -10.27 13.62
CA PRO A 161 -22.43 -10.64 14.99
C PRO A 161 -21.93 -9.46 15.77
N ILE A 162 -22.30 -9.40 17.04
CA ILE A 162 -21.78 -8.36 17.95
C ILE A 162 -21.22 -8.98 19.22
N ILE A 163 -20.03 -8.52 19.58
CA ILE A 163 -19.33 -8.97 20.75
C ILE A 163 -19.58 -7.95 21.86
N LEU A 164 -20.25 -8.41 22.92
CA LEU A 164 -20.55 -7.58 24.06
C LEU A 164 -19.55 -7.91 25.17
N MET A 165 -18.65 -6.97 25.43
CA MET A 165 -17.63 -7.15 26.44
C MET A 165 -18.11 -6.61 27.78
N HIS A 166 -17.75 -7.29 28.88
CA HIS A 166 -18.01 -6.78 30.22
C HIS A 166 -17.12 -5.58 30.54
N ASN A 167 -17.74 -4.53 31.05
CA ASN A 167 -17.01 -3.33 31.38
C ASN A 167 -17.90 -2.48 32.27
N ARG A 168 -17.28 -1.56 32.97
CA ARG A 168 -18.02 -0.55 33.73
C ARG A 168 -17.01 0.48 34.22
N ASP A 169 -17.52 1.57 34.78
CA ASP A 169 -16.67 2.70 35.06
C ASP A 169 -16.09 2.67 36.46
N ASN A 170 -16.19 1.53 37.17
CA ASN A 170 -15.73 1.38 38.56
C ASN A 170 -15.34 -0.07 38.93
N MET A 171 -14.69 -0.26 40.08
CA MET A 171 -14.38 -1.63 40.58
C MET A 171 -15.14 -1.98 41.83
N ASN A 172 -16.31 -1.37 42.03
CA ASN A 172 -17.07 -1.59 43.27
C ASN A 172 -17.99 -2.78 43.12
N TYR A 173 -17.42 -3.96 43.32
CA TYR A 173 -18.13 -5.21 43.13
C TYR A 173 -18.57 -5.77 44.46
N ARG A 174 -19.79 -6.29 44.52
CA ARG A 174 -20.26 -6.99 45.68
C ARG A 174 -19.77 -8.42 45.57
N ASN A 175 -20.02 -9.04 44.43
CA ASN A 175 -19.63 -10.41 44.15
C ASN A 175 -19.24 -10.46 42.66
N LEU A 176 -17.93 -10.37 42.41
CA LEU A 176 -17.35 -10.24 41.06
C LEU A 176 -18.11 -10.96 39.96
N MET A 177 -18.10 -12.29 40.04
CA MET A 177 -18.72 -13.12 39.01
C MET A 177 -20.21 -12.90 38.89
N ALA A 178 -20.89 -12.79 40.01
CA ALA A 178 -22.32 -12.60 39.93
C ALA A 178 -22.60 -11.24 39.29
N ASP A 179 -21.84 -10.23 39.68
CA ASP A 179 -22.02 -8.92 39.03
C ASP A 179 -21.65 -8.95 37.55
N MET A 180 -20.56 -9.61 37.15
CA MET A 180 -20.20 -9.69 35.72
C MET A 180 -21.37 -10.24 34.91
N ILE A 181 -21.91 -11.37 35.36
CA ILE A 181 -23.02 -12.03 34.68
C ILE A 181 -24.25 -11.13 34.63
N ALA A 182 -24.54 -10.43 35.72
CA ALA A 182 -25.62 -9.43 35.71
C ALA A 182 -25.32 -8.35 34.67
N ASP A 183 -24.16 -7.72 34.80
CA ASP A 183 -23.74 -6.66 33.86
C ASP A 183 -23.83 -7.14 32.42
N LEU A 184 -23.34 -8.34 32.14
CA LEU A 184 -23.41 -8.87 30.77
C LEU A 184 -24.85 -9.04 30.35
N TYR A 185 -25.65 -9.64 31.22
CA TYR A 185 -27.05 -9.78 30.88
C TYR A 185 -27.74 -8.43 30.55
N ASP A 186 -27.44 -7.36 31.28
CA ASP A 186 -27.92 -6.01 30.88
C ASP A 186 -27.53 -5.67 29.44
N SER A 187 -26.37 -6.15 28.98
CA SER A 187 -25.97 -5.88 27.58
C SER A 187 -26.76 -6.73 26.61
N ILE A 188 -26.98 -7.99 27.00
CA ILE A 188 -27.82 -8.89 26.20
C ILE A 188 -29.21 -8.31 26.00
N LYS A 189 -29.77 -7.68 27.03
CA LYS A 189 -31.13 -7.10 26.97
C LYS A 189 -31.17 -5.87 26.06
N ILE A 190 -30.12 -5.04 26.10
CA ILE A 190 -30.03 -3.88 25.22
C ILE A 190 -29.95 -4.37 23.78
N ALA A 191 -29.16 -5.43 23.58
CA ALA A 191 -28.94 -5.97 22.23
C ALA A 191 -30.24 -6.61 21.70
N LYS A 192 -30.90 -7.41 22.54
CA LYS A 192 -32.14 -8.08 22.11
C LYS A 192 -33.34 -7.14 21.92
N ASP A 193 -33.48 -6.14 22.77
CA ASP A 193 -34.53 -5.15 22.59
C ASP A 193 -34.40 -4.43 21.27
N ALA A 194 -33.18 -4.20 20.81
CA ALA A 194 -32.91 -3.52 19.53
C ALA A 194 -33.11 -4.42 18.30
N GLY A 195 -33.33 -5.71 18.50
CA GLY A 195 -33.58 -6.64 17.42
C GLY A 195 -32.44 -7.62 17.13
N VAL A 196 -31.39 -7.64 17.96
CA VAL A 196 -30.28 -8.59 17.74
C VAL A 196 -30.74 -10.02 18.12
N ARG A 197 -30.54 -10.95 17.19
CA ARG A 197 -30.84 -12.36 17.36
C ARG A 197 -29.77 -13.04 18.22
N ASP A 198 -30.21 -13.97 19.05
CA ASP A 198 -29.31 -14.77 19.88
C ASP A 198 -28.04 -15.24 19.17
N GLU A 199 -28.21 -15.70 17.93
CA GLU A 199 -27.13 -16.20 17.10
C GLU A 199 -26.05 -15.18 16.68
N ASN A 200 -26.36 -13.90 16.80
CA ASN A 200 -25.38 -12.84 16.55
C ASN A 200 -24.82 -12.20 17.80
N ILE A 201 -25.07 -12.80 18.96
CA ILE A 201 -24.49 -12.35 20.23
C ILE A 201 -23.31 -13.21 20.67
N ILE A 202 -22.19 -12.54 20.96
CA ILE A 202 -21.04 -13.16 21.59
C ILE A 202 -20.71 -12.33 22.82
N LEU A 203 -20.22 -13.00 23.86
CA LEU A 203 -19.88 -12.36 25.13
C LEU A 203 -18.35 -12.40 25.33
N ASP A 204 -17.85 -11.50 26.16
CA ASP A 204 -16.44 -11.41 26.46
C ASP A 204 -16.33 -10.94 27.91
N PRO A 205 -15.54 -11.62 28.75
CA PRO A 205 -15.50 -11.22 30.17
C PRO A 205 -14.78 -9.89 30.47
N GLY A 206 -14.24 -9.21 29.46
CA GLY A 206 -13.51 -7.97 29.67
C GLY A 206 -12.44 -8.08 30.73
N ILE A 207 -11.66 -9.14 30.68
CA ILE A 207 -10.43 -9.21 31.47
C ILE A 207 -9.51 -8.01 31.11
N GLY A 208 -9.00 -7.36 32.15
CA GLY A 208 -8.15 -6.21 32.04
C GLY A 208 -8.90 -4.90 32.06
N PHE A 209 -10.21 -5.00 32.16
CA PHE A 209 -11.08 -3.83 32.27
C PHE A 209 -11.86 -3.82 33.55
N ALA A 210 -11.84 -2.68 34.25
CA ALA A 210 -12.66 -2.41 35.42
C ALA A 210 -12.47 -3.49 36.47
N LYS A 211 -11.24 -4.01 36.55
CA LYS A 211 -10.92 -5.07 37.47
C LYS A 211 -9.54 -4.85 37.99
N THR A 212 -9.36 -5.14 39.28
CA THR A 212 -8.05 -5.18 39.92
C THR A 212 -7.30 -6.39 39.38
N PRO A 213 -5.98 -6.43 39.59
CA PRO A 213 -5.30 -7.64 39.18
C PRO A 213 -5.93 -8.87 39.82
N GLU A 214 -6.26 -8.78 41.11
CA GLU A 214 -6.76 -9.97 41.83
C GLU A 214 -8.11 -10.39 41.24
N GLN A 215 -8.93 -9.43 40.85
CA GLN A 215 -10.20 -9.72 40.21
C GLN A 215 -10.09 -10.31 38.81
N ASN A 216 -9.05 -9.90 38.07
CA ASN A 216 -8.73 -10.52 36.80
C ASN A 216 -8.41 -11.99 36.94
N LEU A 217 -7.56 -12.34 37.89
CA LEU A 217 -7.26 -13.75 38.22
C LEU A 217 -8.52 -14.53 38.61
N GLU A 218 -9.40 -13.89 39.36
CA GLU A 218 -10.61 -14.57 39.88
C GLU A 218 -11.57 -14.81 38.73
N ALA A 219 -11.69 -13.82 37.86
CA ALA A 219 -12.52 -13.97 36.67
C ALA A 219 -12.03 -15.15 35.82
N MET A 220 -10.71 -15.27 35.63
CA MET A 220 -10.13 -16.39 34.88
C MET A 220 -10.40 -17.72 35.53
N ARG A 221 -10.26 -17.75 36.86
CA ARG A 221 -10.51 -18.97 37.62
C ARG A 221 -11.97 -19.44 37.49
N ASN A 222 -12.90 -18.52 37.22
CA ASN A 222 -14.34 -18.86 37.21
C ASN A 222 -15.03 -18.62 35.89
N LEU A 223 -14.24 -18.51 34.83
CA LEU A 223 -14.77 -18.26 33.49
C LEU A 223 -15.89 -19.18 33.01
N GLU A 224 -15.80 -20.45 33.36
CA GLU A 224 -16.83 -21.41 32.94
C GLU A 224 -18.25 -20.95 33.36
N GLN A 225 -18.38 -20.07 34.35
CA GLN A 225 -19.71 -19.60 34.75
C GLN A 225 -20.43 -18.81 33.67
N LEU A 226 -19.67 -18.15 32.78
CA LEU A 226 -20.26 -17.35 31.69
C LEU A 226 -21.05 -18.24 30.74
N ASN A 227 -20.71 -19.52 30.69
CA ASN A 227 -21.39 -20.47 29.81
C ASN A 227 -22.87 -20.66 30.10
N VAL A 228 -23.33 -20.35 31.30
CA VAL A 228 -24.74 -20.64 31.61
C VAL A 228 -25.64 -19.63 30.88
N LEU A 229 -25.07 -18.50 30.44
CA LEU A 229 -25.84 -17.52 29.67
C LEU A 229 -26.18 -18.04 28.27
N GLY A 230 -25.47 -19.07 27.81
CA GLY A 230 -25.86 -19.76 26.58
C GLY A 230 -25.32 -19.14 25.31
N TYR A 231 -24.30 -18.28 25.42
CA TYR A 231 -23.71 -17.67 24.20
C TYR A 231 -22.25 -18.01 24.03
N PRO A 232 -21.79 -18.03 22.78
CA PRO A 232 -20.34 -18.18 22.62
C PRO A 232 -19.55 -17.13 23.41
N VAL A 233 -18.39 -17.54 23.91
CA VAL A 233 -17.54 -16.66 24.69
C VAL A 233 -16.20 -16.40 23.98
N LEU A 234 -15.84 -15.12 23.86
CA LEU A 234 -14.51 -14.70 23.38
C LEU A 234 -13.67 -14.23 24.54
N LEU A 235 -12.44 -14.74 24.64
CA LEU A 235 -11.53 -14.34 25.70
C LEU A 235 -10.44 -13.45 25.14
N GLY A 236 -10.16 -12.32 25.80
CA GLY A 236 -9.11 -11.38 25.32
C GLY A 236 -8.16 -10.99 26.44
N THR A 237 -7.12 -11.78 26.63
CA THR A 237 -6.18 -11.55 27.71
C THR A 237 -4.77 -11.21 27.18
N SER A 238 -4.64 -11.06 25.84
CA SER A 238 -3.33 -10.96 25.23
C SER A 238 -2.49 -9.81 25.79
N ARG A 239 -1.40 -10.18 26.45
CA ARG A 239 -0.38 -9.23 26.89
C ARG A 239 -0.80 -8.28 27.98
N LYS A 240 -1.99 -8.48 28.52
CA LYS A 240 -2.55 -7.52 29.45
C LYS A 240 -1.71 -7.41 30.70
N SER A 241 -1.93 -6.28 31.36
CA SER A 241 -1.23 -5.90 32.57
C SER A 241 -1.21 -6.90 33.74
N PHE A 242 -2.31 -7.61 33.98
CA PHE A 242 -2.38 -8.55 35.13
C PHE A 242 -1.42 -9.74 35.01
N ILE A 243 -1.11 -10.11 33.77
CA ILE A 243 -0.04 -11.05 33.48
C ILE A 243 1.33 -10.51 33.90
N GLY A 244 1.56 -9.23 33.62
CA GLY A 244 2.76 -8.56 34.10
C GLY A 244 2.83 -8.53 35.62
N HIS A 245 1.67 -8.31 36.26
CA HIS A 245 1.61 -8.21 37.71
C HIS A 245 2.00 -9.52 38.34
N VAL A 246 1.65 -10.62 37.71
CA VAL A 246 1.94 -11.94 38.26
C VAL A 246 3.39 -12.27 38.00
N LEU A 247 3.83 -12.13 36.75
CA LEU A 247 5.17 -12.58 36.36
C LEU A 247 6.27 -11.54 36.61
N ASP A 248 5.86 -10.33 36.96
CA ASP A 248 6.76 -9.19 36.97
C ASP A 248 7.59 -9.15 35.67
N LEU A 249 6.89 -9.01 34.56
CA LEU A 249 7.49 -9.00 33.26
C LEU A 249 6.83 -7.95 32.40
N PRO A 250 7.62 -7.28 31.57
CA PRO A 250 7.07 -6.26 30.69
C PRO A 250 6.33 -6.85 29.50
N VAL A 251 5.60 -5.97 28.81
CA VAL A 251 4.66 -6.32 27.75
C VAL A 251 5.20 -7.26 26.66
N GLU A 252 6.48 -7.09 26.30
CA GLU A 252 7.06 -7.83 25.19
C GLU A 252 7.52 -9.22 25.63
N GLU A 253 7.52 -9.48 26.94
CA GLU A 253 7.85 -10.80 27.48
C GLU A 253 6.61 -11.51 28.10
N ARG A 254 5.46 -11.40 27.47
CA ARG A 254 4.20 -11.87 28.06
C ARG A 254 3.56 -13.06 27.35
N LEU A 255 4.40 -13.74 26.57
CA LEU A 255 3.96 -14.79 25.68
C LEU A 255 3.50 -16.02 26.47
N GLU A 256 4.36 -16.50 27.37
CA GLU A 256 4.05 -17.62 28.23
C GLU A 256 2.84 -17.36 29.09
N GLY A 257 2.76 -16.17 29.67
CA GLY A 257 1.61 -15.83 30.52
C GLY A 257 0.31 -15.69 29.76
N THR A 258 0.38 -15.09 28.56
CA THR A 258 -0.78 -15.03 27.65
C THR A 258 -1.18 -16.47 27.36
N GLY A 259 -0.19 -17.25 26.96
CA GLY A 259 -0.39 -18.67 26.69
C GLY A 259 -1.21 -19.36 27.77
N ALA A 260 -0.82 -19.19 29.03
CA ALA A 260 -1.49 -19.85 30.12
C ALA A 260 -2.96 -19.49 30.09
N THR A 261 -3.24 -18.21 29.86
CA THR A 261 -4.59 -17.71 29.96
C THR A 261 -5.44 -18.25 28.83
N VAL A 262 -4.86 -18.30 27.63
CA VAL A 262 -5.55 -18.91 26.50
C VAL A 262 -5.88 -20.37 26.80
N CYS A 263 -4.92 -21.11 27.33
CA CYS A 263 -5.11 -22.53 27.60
C CYS A 263 -6.20 -22.74 28.63
N LEU A 264 -6.20 -21.93 29.68
CA LEU A 264 -7.15 -22.11 30.74
C LEU A 264 -8.53 -21.74 30.21
N GLY A 265 -8.55 -20.75 29.31
CA GLY A 265 -9.83 -20.28 28.75
C GLY A 265 -10.46 -21.34 27.88
N ILE A 266 -9.61 -22.03 27.13
CA ILE A 266 -10.11 -23.04 26.23
C ILE A 266 -10.61 -24.21 27.04
N GLU A 267 -9.89 -24.57 28.09
CA GLU A 267 -10.37 -25.62 28.94
C GLU A 267 -11.73 -25.29 29.58
N LYS A 268 -11.98 -24.00 29.80
CA LYS A 268 -13.19 -23.53 30.40
C LYS A 268 -14.26 -23.19 29.38
N GLY A 269 -14.09 -23.61 28.13
CA GLY A 269 -15.20 -23.56 27.14
C GLY A 269 -15.27 -22.39 26.16
N CYS A 270 -14.26 -21.53 26.16
N CYS A 270 -14.30 -21.50 26.17
CA CYS A 270 -14.24 -20.37 25.25
CA CYS A 270 -14.36 -20.35 25.26
C CYS A 270 -14.17 -20.77 23.76
C CYS A 270 -14.20 -20.76 23.78
N GLU A 271 -14.83 -19.98 22.91
CA GLU A 271 -14.95 -20.31 21.51
C GLU A 271 -13.94 -19.55 20.64
N PHE A 272 -13.50 -18.38 21.14
CA PHE A 272 -12.58 -17.49 20.47
C PHE A 272 -11.51 -17.07 21.48
N VAL A 273 -10.30 -16.74 21.00
CA VAL A 273 -9.38 -15.96 21.83
C VAL A 273 -8.83 -14.85 20.95
N ARG A 274 -8.63 -13.67 21.54
CA ARG A 274 -8.24 -12.46 20.82
C ARG A 274 -6.82 -12.14 21.21
N VAL A 275 -5.90 -12.29 20.27
CA VAL A 275 -4.48 -12.31 20.61
C VAL A 275 -3.61 -11.50 19.67
N HIS A 276 -2.44 -11.07 20.15
CA HIS A 276 -1.50 -10.34 19.28
C HIS A 276 -0.58 -11.39 18.63
N ASP A 277 -0.09 -12.35 19.41
CA ASP A 277 0.90 -13.31 18.92
C ASP A 277 0.26 -14.52 18.26
N VAL A 278 -0.18 -14.35 17.03
CA VAL A 278 -1.00 -15.36 16.38
C VAL A 278 -0.30 -16.70 16.18
N LYS A 279 0.91 -16.70 15.64
CA LYS A 279 1.62 -17.95 15.45
C LYS A 279 1.59 -18.82 16.71
N GLU A 280 2.05 -18.26 17.82
CA GLU A 280 2.22 -19.02 19.03
C GLU A 280 0.87 -19.42 19.64
N MET A 281 -0.03 -18.46 19.79
CA MET A 281 -1.29 -18.76 20.45
C MET A 281 -2.10 -19.74 19.64
N SER A 282 -1.96 -19.64 18.32
CA SER A 282 -2.68 -20.54 17.43
C SER A 282 -2.20 -22.02 17.59
N ARG A 283 -0.89 -22.22 17.72
CA ARG A 283 -0.39 -23.54 18.06
C ARG A 283 -0.87 -24.08 19.42
N MET A 284 -0.88 -23.23 20.44
CA MET A 284 -1.36 -23.65 21.75
C MET A 284 -2.86 -24.02 21.72
N ALA A 285 -3.64 -23.19 21.04
CA ALA A 285 -5.05 -23.46 20.86
C ALA A 285 -5.29 -24.82 20.19
N LYS A 286 -4.60 -25.07 19.08
CA LYS A 286 -4.74 -26.36 18.37
C LYS A 286 -4.43 -27.57 19.29
N MET A 287 -3.40 -27.45 20.11
CA MET A 287 -3.03 -28.57 21.00
C MET A 287 -4.05 -28.76 22.13
N MET A 288 -4.52 -27.65 22.69
CA MET A 288 -5.56 -27.70 23.69
C MET A 288 -6.78 -28.39 23.09
N ASP A 289 -7.22 -27.94 21.91
CA ASP A 289 -8.37 -28.56 21.21
C ASP A 289 -8.24 -30.08 21.07
N ALA A 290 -7.06 -30.55 20.69
CA ALA A 290 -6.88 -31.99 20.56
C ALA A 290 -7.07 -32.65 21.91
N MET A 291 -6.52 -32.03 22.96
CA MET A 291 -6.55 -32.67 24.28
C MET A 291 -7.95 -32.72 24.86
N ILE A 292 -8.70 -31.63 24.78
CA ILE A 292 -10.04 -31.61 25.39
C ILE A 292 -11.07 -32.25 24.48
N GLY A 293 -10.69 -32.61 23.26
CA GLY A 293 -11.57 -33.32 22.35
C GLY A 293 -12.42 -32.42 21.47
N LYS A 294 -12.04 -31.16 21.33
CA LYS A 294 -12.68 -30.23 20.40
C LYS A 294 -12.05 -30.48 19.04
N LYS B 22 31.77 -0.14 -28.10
CA LYS B 22 31.37 1.19 -28.65
C LYS B 22 31.36 2.24 -27.56
N TRP B 23 30.75 1.92 -26.42
CA TRP B 23 30.75 2.81 -25.26
C TRP B 23 31.87 2.36 -24.33
N ASP B 24 32.70 3.29 -23.89
CA ASP B 24 33.80 2.91 -23.01
C ASP B 24 33.49 3.23 -21.52
N TYR B 25 32.22 3.45 -21.22
CA TYR B 25 31.77 3.54 -19.86
C TYR B 25 30.36 2.95 -19.73
N ASP B 26 30.01 2.59 -18.49
CA ASP B 26 28.68 2.21 -18.08
C ASP B 26 27.97 3.41 -17.49
N LEU B 27 26.64 3.38 -17.47
CA LEU B 27 25.85 4.40 -16.81
C LEU B 27 25.74 4.05 -15.33
N ARG B 28 26.29 4.94 -14.51
CA ARG B 28 26.36 4.76 -13.06
C ARG B 28 25.11 5.30 -12.37
N CYS B 29 24.31 4.43 -11.74
CA CYS B 29 23.02 4.83 -11.13
C CYS B 29 22.89 4.42 -9.65
N GLY B 30 23.77 5.01 -8.83
CA GLY B 30 23.80 4.69 -7.40
C GLY B 30 24.14 3.22 -7.26
N GLU B 31 23.21 2.45 -6.70
CA GLU B 31 23.44 1.01 -6.51
C GLU B 31 23.25 0.19 -7.79
N TYR B 32 22.63 0.78 -8.80
CA TYR B 32 22.51 0.12 -10.10
C TYR B 32 23.54 0.62 -11.11
N THR B 33 23.94 -0.26 -12.01
CA THR B 33 24.83 0.07 -13.09
C THR B 33 24.16 -0.35 -14.38
N LEU B 34 24.03 0.55 -15.36
CA LEU B 34 23.45 0.14 -16.64
C LEU B 34 24.51 0.05 -17.74
N ASN B 35 24.65 -1.14 -18.33
CA ASN B 35 25.51 -1.31 -19.46
C ASN B 35 24.84 -0.83 -20.76
N LEU B 36 25.60 -0.03 -21.51
CA LEU B 36 25.17 0.57 -22.75
C LEU B 36 25.52 -0.25 -23.99
N ASN B 37 26.32 -1.30 -23.83
CA ASN B 37 26.71 -2.12 -24.99
C ASN B 37 25.94 -3.44 -25.15
N GLU B 38 25.59 -4.10 -24.04
CA GLU B 38 24.90 -5.41 -24.07
C GLU B 38 23.59 -5.39 -24.87
N LYS B 39 22.75 -4.41 -24.63
CA LYS B 39 21.47 -4.46 -25.28
C LYS B 39 20.80 -3.14 -25.22
N THR B 40 19.71 -3.00 -25.96
CA THR B 40 18.85 -1.84 -25.81
C THR B 40 18.10 -1.86 -24.48
N LEU B 41 18.11 -0.71 -23.80
CA LEU B 41 17.58 -0.59 -22.45
C LEU B 41 16.17 -0.06 -22.51
N ILE B 42 15.27 -0.69 -21.76
CA ILE B 42 13.87 -0.44 -21.83
C ILE B 42 13.48 0.37 -20.63
N MET B 43 13.01 1.59 -20.89
CA MET B 43 12.46 2.45 -19.85
C MET B 43 10.94 2.38 -19.85
N GLY B 44 10.39 1.82 -18.78
CA GLY B 44 8.94 1.60 -18.65
C GLY B 44 8.22 2.79 -18.03
N ILE B 45 7.14 3.22 -18.67
CA ILE B 45 6.43 4.39 -18.25
C ILE B 45 5.38 4.04 -17.15
N LEU B 46 5.61 4.54 -15.93
CA LEU B 46 4.70 4.29 -14.81
C LEU B 46 3.37 5.05 -14.93
N ASN B 47 2.26 4.27 -14.91
CA ASN B 47 0.87 4.75 -14.71
C ASN B 47 0.69 5.59 -13.47
N VAL B 48 0.40 6.88 -13.66
CA VAL B 48 0.18 7.81 -12.53
C VAL B 48 -1.24 8.41 -12.64
N THR B 49 -2.03 8.24 -11.60
CA THR B 49 -3.47 8.53 -11.69
C THR B 49 -4.02 9.47 -10.61
N PRO B 50 -4.44 10.69 -11.01
CA PRO B 50 -5.37 11.53 -10.24
C PRO B 50 -6.82 11.30 -10.68
N PHE B 53 -9.38 12.37 -5.83
CA PHE B 53 -9.89 12.14 -4.47
C PHE B 53 -9.07 12.85 -3.37
N SER B 54 -7.79 13.11 -3.62
CA SER B 54 -6.91 13.65 -2.58
C SER B 54 -5.63 14.25 -3.15
N ASP B 55 -4.69 14.61 -2.28
CA ASP B 55 -3.44 15.30 -2.67
C ASP B 55 -2.26 14.39 -2.95
N GLY B 56 -2.46 13.07 -2.83
CA GLY B 56 -1.39 12.12 -3.07
C GLY B 56 -0.76 11.54 -1.81
N GLY B 57 0.01 10.47 -2.02
CA GLY B 57 0.50 9.66 -0.93
C GLY B 57 -0.51 8.59 -0.50
N SER B 58 -1.61 8.48 -1.25
CA SER B 58 -2.74 7.63 -0.90
C SER B 58 -2.49 6.16 -1.12
N TYR B 59 -3.20 5.34 -0.38
CA TYR B 59 -2.95 3.92 -0.47
C TYR B 59 -3.27 3.41 -1.86
N ASN B 60 -4.38 3.84 -2.44
CA ASN B 60 -4.79 3.26 -3.72
C ASN B 60 -3.93 3.71 -4.88
N GLU B 61 -3.53 4.97 -4.88
CA GLU B 61 -2.70 5.44 -5.96
C GLU B 61 -1.28 4.91 -5.83
N VAL B 62 -0.72 4.91 -4.62
CA VAL B 62 0.65 4.41 -4.46
C VAL B 62 0.73 2.89 -4.63
N ASP B 63 -0.28 2.16 -4.15
CA ASP B 63 -0.30 0.67 -4.31
C ASP B 63 -0.43 0.21 -5.75
N ALA B 64 -1.21 0.95 -6.55
CA ALA B 64 -1.29 0.69 -8.02
C ALA B 64 0.05 1.01 -8.70
N ALA B 65 0.69 2.09 -8.29
CA ALA B 65 2.00 2.45 -8.85
C ALA B 65 3.03 1.34 -8.58
N VAL B 66 2.97 0.72 -7.40
CA VAL B 66 3.94 -0.33 -7.05
C VAL B 66 3.68 -1.58 -7.89
N ARG B 67 2.39 -1.94 -8.02
CA ARG B 67 1.99 -3.16 -8.72
C ARG B 67 2.35 -3.05 -10.19
N HIS B 68 2.16 -1.88 -10.78
CA HIS B 68 2.51 -1.67 -12.18
C HIS B 68 4.04 -1.69 -12.38
N ALA B 69 4.79 -1.13 -11.44
CA ALA B 69 6.25 -1.13 -11.58
C ALA B 69 6.77 -2.55 -11.53
N LYS B 70 6.16 -3.34 -10.65
CA LYS B 70 6.50 -4.75 -10.46
C LYS B 70 6.20 -5.55 -11.70
N GLU B 71 5.08 -5.26 -12.34
CA GLU B 71 4.70 -5.85 -13.61
C GLU B 71 5.74 -5.49 -14.72
N MET B 72 6.08 -4.21 -14.86
CA MET B 72 7.03 -3.83 -15.88
C MET B 72 8.41 -4.42 -15.62
N ARG B 73 8.77 -4.55 -14.35
CA ARG B 73 10.02 -5.23 -14.00
C ARG B 73 9.96 -6.68 -14.49
N ASP B 74 8.85 -7.36 -14.24
CA ASP B 74 8.71 -8.75 -14.70
C ASP B 74 8.64 -8.88 -16.22
N GLU B 75 8.28 -7.83 -16.92
CA GLU B 75 8.15 -7.87 -18.36
C GLU B 75 9.44 -7.47 -19.08
N GLY B 76 10.45 -7.05 -18.31
CA GLY B 76 11.80 -6.78 -18.83
C GLY B 76 12.28 -5.32 -18.81
N ALA B 77 11.60 -4.47 -18.03
CA ALA B 77 12.00 -3.06 -17.92
C ALA B 77 13.30 -2.96 -17.16
N HIS B 78 14.24 -2.14 -17.65
CA HIS B 78 15.52 -1.91 -17.00
C HIS B 78 15.49 -0.64 -16.14
N ILE B 79 14.54 0.24 -16.46
CA ILE B 79 14.33 1.53 -15.77
C ILE B 79 12.82 1.81 -15.60
N ILE B 80 12.44 2.42 -14.46
CA ILE B 80 11.04 2.82 -14.22
C ILE B 80 10.90 4.36 -14.22
N ASP B 81 10.13 4.90 -15.15
CA ASP B 81 10.03 6.35 -15.30
C ASP B 81 8.74 6.80 -14.66
N ILE B 82 8.82 7.78 -13.77
CA ILE B 82 7.68 8.22 -12.96
C ILE B 82 7.44 9.72 -13.14
N GLY B 83 6.27 10.09 -13.67
CA GLY B 83 5.87 11.50 -13.84
C GLY B 83 4.67 11.87 -12.98
N GLY B 84 4.43 13.17 -12.77
CA GLY B 84 3.36 13.62 -11.86
C GLY B 84 2.86 15.04 -12.06
N VAL B 94 -0.49 23.00 -12.05
CA VAL B 94 -0.26 22.45 -10.72
C VAL B 94 1.15 22.78 -10.20
N SER B 95 1.23 23.14 -8.91
CA SER B 95 2.42 23.77 -8.33
C SER B 95 3.51 22.75 -7.99
N VAL B 96 4.69 23.22 -7.65
CA VAL B 96 5.79 22.30 -7.32
C VAL B 96 5.48 21.53 -6.03
N GLU B 97 4.69 22.11 -5.13
CA GLU B 97 4.36 21.47 -3.85
C GLU B 97 3.37 20.32 -4.06
N GLU B 98 2.27 20.58 -4.78
CA GLU B 98 1.28 19.52 -5.04
C GLU B 98 1.85 18.43 -5.94
N GLU B 99 2.89 18.76 -6.69
CA GLU B 99 3.56 17.78 -7.55
C GLU B 99 4.53 16.94 -6.70
N ILE B 100 5.21 17.57 -5.74
CA ILE B 100 6.14 16.83 -4.89
C ILE B 100 5.35 15.84 -4.03
N LYS B 101 4.24 16.32 -3.45
CA LYS B 101 3.34 15.47 -2.64
C LYS B 101 2.80 14.26 -3.37
N ARG B 102 2.73 14.33 -4.70
CA ARG B 102 2.29 13.19 -5.50
C ARG B 102 3.41 12.21 -5.77
N VAL B 103 4.54 12.74 -6.19
CA VAL B 103 5.55 11.90 -6.84
C VAL B 103 6.49 11.28 -5.82
N VAL B 104 6.75 12.00 -4.71
CA VAL B 104 7.72 11.52 -3.71
C VAL B 104 7.23 10.22 -3.05
N PRO B 105 5.96 10.18 -2.60
CA PRO B 105 5.47 8.92 -2.05
C PRO B 105 5.62 7.75 -3.03
N MET B 106 5.30 7.98 -4.30
CA MET B 106 5.46 6.94 -5.30
C MET B 106 6.90 6.49 -5.47
N ILE B 107 7.83 7.44 -5.52
CA ILE B 107 9.24 7.11 -5.64
C ILE B 107 9.76 6.31 -4.44
N GLN B 108 9.41 6.74 -3.22
CA GLN B 108 9.81 6.01 -2.01
C GLN B 108 9.33 4.58 -2.00
N ALA B 109 8.07 4.37 -2.33
CA ALA B 109 7.49 3.04 -2.37
C ALA B 109 8.11 2.16 -3.48
N VAL B 110 8.26 2.73 -4.68
CA VAL B 110 8.81 1.95 -5.81
C VAL B 110 10.28 1.61 -5.56
N SER B 111 11.05 2.57 -5.04
CA SER B 111 12.47 2.32 -4.77
C SER B 111 12.64 1.24 -3.72
N LYS B 112 11.83 1.29 -2.69
CA LYS B 112 11.87 0.23 -1.69
C LYS B 112 11.50 -1.13 -2.30
N GLU B 113 10.44 -1.18 -3.08
CA GLU B 113 9.81 -2.47 -3.39
C GLU B 113 10.16 -3.04 -4.77
N VAL B 114 10.80 -2.26 -5.64
CA VAL B 114 11.17 -2.74 -6.98
C VAL B 114 12.61 -2.38 -7.25
N LYS B 115 13.45 -3.39 -7.50
CA LYS B 115 14.89 -3.20 -7.54
C LYS B 115 15.40 -2.82 -8.93
N LEU B 116 15.03 -1.61 -9.37
CA LEU B 116 15.36 -1.08 -10.69
C LEU B 116 15.67 0.39 -10.53
N PRO B 117 16.51 0.96 -11.41
CA PRO B 117 16.70 2.40 -11.31
C PRO B 117 15.44 3.16 -11.66
N ILE B 118 15.24 4.32 -11.05
CA ILE B 118 14.07 5.15 -11.27
C ILE B 118 14.44 6.50 -11.83
N SER B 119 13.70 6.94 -12.83
CA SER B 119 13.92 8.27 -13.37
C SER B 119 12.74 9.13 -13.01
N ILE B 120 13.01 10.37 -12.68
CA ILE B 120 11.95 11.31 -12.33
C ILE B 120 11.69 12.15 -13.56
N ASP B 121 10.47 12.02 -14.07
CA ASP B 121 10.07 12.76 -15.25
C ASP B 121 9.60 14.13 -14.80
N THR B 122 10.50 15.11 -14.84
CA THR B 122 10.13 16.49 -14.46
C THR B 122 11.09 17.49 -15.14
N TYR B 123 10.63 18.74 -15.33
CA TYR B 123 11.50 19.84 -15.78
C TYR B 123 11.84 20.85 -14.69
N LYS B 124 11.32 20.61 -13.48
CA LYS B 124 11.45 21.53 -12.36
C LYS B 124 12.59 21.10 -11.47
N ALA B 125 13.44 22.05 -11.12
CA ALA B 125 14.60 21.78 -10.28
C ALA B 125 14.21 21.24 -8.90
N GLU B 126 13.25 21.86 -8.25
CA GLU B 126 12.90 21.46 -6.89
C GLU B 126 12.30 20.05 -6.84
N VAL B 127 11.52 19.70 -7.85
CA VAL B 127 10.91 18.37 -7.90
C VAL B 127 11.98 17.32 -8.12
N ALA B 128 12.97 17.63 -8.95
CA ALA B 128 14.09 16.73 -9.17
C ALA B 128 14.86 16.48 -7.88
N LYS B 129 15.14 17.56 -7.12
CA LYS B 129 15.89 17.41 -5.87
C LYS B 129 15.14 16.48 -4.90
N GLN B 130 13.87 16.78 -4.61
CA GLN B 130 13.09 15.98 -3.65
C GLN B 130 12.97 14.54 -4.13
N ALA B 131 12.76 14.39 -5.43
CA ALA B 131 12.58 13.08 -6.02
C ALA B 131 13.82 12.22 -5.84
N ILE B 132 15.00 12.85 -5.97
CA ILE B 132 16.26 12.14 -5.79
C ILE B 132 16.46 11.82 -4.31
N GLU B 133 16.10 12.73 -3.43
CA GLU B 133 16.14 12.48 -1.98
C GLU B 133 15.20 11.32 -1.58
N ALA B 134 14.11 11.15 -2.32
CA ALA B 134 13.17 10.04 -2.12
C ALA B 134 13.68 8.72 -2.69
N GLY B 135 14.74 8.78 -3.50
CA GLY B 135 15.36 7.58 -4.10
C GLY B 135 15.38 7.49 -5.62
N ALA B 136 14.97 8.54 -6.33
CA ALA B 136 15.10 8.54 -7.79
C ALA B 136 16.59 8.64 -8.18
N HIS B 137 16.98 7.94 -9.26
CA HIS B 137 18.39 7.85 -9.69
C HIS B 137 18.79 8.62 -10.94
N ILE B 138 17.79 9.04 -11.73
CA ILE B 138 17.99 9.65 -13.06
C ILE B 138 16.99 10.78 -13.25
N ILE B 139 17.43 11.87 -13.89
CA ILE B 139 16.51 12.96 -14.19
C ILE B 139 16.08 12.91 -15.65
N ASN B 140 14.77 12.93 -15.90
CA ASN B 140 14.20 12.95 -17.26
C ASN B 140 13.51 14.30 -17.54
N ASP B 141 14.24 15.21 -18.21
CA ASP B 141 13.75 16.57 -18.44
C ASP B 141 13.27 16.81 -19.87
N ILE B 142 11.96 16.95 -20.06
CA ILE B 142 11.37 17.29 -21.37
C ILE B 142 11.70 18.69 -21.90
N TRP B 143 12.37 19.52 -21.10
CA TRP B 143 12.74 20.86 -21.55
C TRP B 143 14.26 20.98 -21.68
N GLY B 144 14.97 19.88 -21.39
CA GLY B 144 16.42 19.80 -21.61
C GLY B 144 17.17 20.88 -20.86
N ALA B 145 16.79 21.03 -19.60
CA ALA B 145 17.34 22.05 -18.71
C ALA B 145 17.11 23.49 -19.16
N LYS B 146 16.12 23.74 -20.03
CA LYS B 146 15.83 25.11 -20.48
C LYS B 146 14.71 25.81 -19.72
N ALA B 147 13.79 25.05 -19.16
CA ALA B 147 12.72 25.65 -18.42
C ALA B 147 13.27 26.14 -17.09
N GLU B 148 14.08 25.33 -16.43
CA GLU B 148 14.70 25.69 -15.16
C GLU B 148 16.12 25.16 -15.12
N PRO B 149 17.10 25.98 -15.57
CA PRO B 149 18.52 25.60 -15.59
C PRO B 149 19.10 25.11 -14.26
N LYS B 150 18.49 25.47 -13.15
CA LYS B 150 18.93 24.95 -11.85
C LYS B 150 18.78 23.44 -11.71
N ILE B 151 18.00 22.81 -12.58
CA ILE B 151 17.85 21.37 -12.58
C ILE B 151 19.18 20.70 -12.95
N ALA B 152 20.00 21.40 -13.73
CA ALA B 152 21.31 20.92 -14.14
C ALA B 152 22.30 20.93 -12.98
N GLU B 153 22.23 21.99 -12.18
CA GLU B 153 22.96 22.01 -10.91
C GLU B 153 22.51 20.89 -9.95
N VAL B 154 21.22 20.57 -9.94
CA VAL B 154 20.73 19.51 -9.08
C VAL B 154 21.38 18.20 -9.51
N ALA B 155 21.34 17.94 -10.82
CA ALA B 155 21.99 16.78 -11.43
C ALA B 155 23.46 16.71 -11.12
N ALA B 156 24.14 17.86 -11.16
CA ALA B 156 25.58 17.92 -10.88
C ALA B 156 25.88 17.61 -9.42
N HIS B 157 25.09 18.18 -8.52
CA HIS B 157 25.31 17.96 -7.10
C HIS B 157 25.14 16.48 -6.72
N TYR B 158 24.02 15.89 -7.15
CA TYR B 158 23.74 14.49 -6.87
C TYR B 158 24.49 13.56 -7.80
N ASP B 159 25.17 14.12 -8.79
CA ASP B 159 25.99 13.35 -9.73
C ASP B 159 25.17 12.30 -10.45
N VAL B 160 23.97 12.65 -10.91
CA VAL B 160 23.11 11.64 -11.56
C VAL B 160 23.01 11.81 -13.10
N PRO B 161 22.64 10.72 -13.82
CA PRO B 161 22.35 10.92 -15.24
C PRO B 161 21.18 11.83 -15.45
N ILE B 162 21.24 12.60 -16.52
CA ILE B 162 20.11 13.44 -16.90
C ILE B 162 19.83 13.29 -18.39
N ILE B 163 18.55 13.11 -18.71
CA ILE B 163 18.09 12.98 -20.08
C ILE B 163 17.62 14.36 -20.49
N LEU B 164 18.24 14.89 -21.52
CA LEU B 164 17.93 16.21 -22.02
C LEU B 164 17.17 16.04 -23.30
N MET B 165 15.86 16.28 -23.25
CA MET B 165 14.99 16.08 -24.44
C MET B 165 14.90 17.33 -25.27
N HIS B 166 14.89 17.18 -26.58
CA HIS B 166 14.66 18.29 -27.48
C HIS B 166 13.24 18.83 -27.36
N ASN B 167 13.10 20.15 -27.35
CA ASN B 167 11.80 20.82 -27.22
C ASN B 167 11.97 22.28 -27.62
N ARG B 168 10.86 22.99 -27.79
CA ARG B 168 10.88 24.42 -28.07
C ARG B 168 9.43 24.88 -28.25
N ASP B 169 9.23 26.19 -28.23
CA ASP B 169 7.87 26.73 -28.18
C ASP B 169 7.23 26.92 -29.55
N ASN B 170 7.90 26.46 -30.61
CA ASN B 170 7.37 26.60 -31.98
C ASN B 170 7.78 25.43 -32.87
N MET B 171 7.12 25.34 -34.03
CA MET B 171 7.37 24.31 -35.03
C MET B 171 7.99 24.92 -36.28
N ASN B 172 8.90 25.88 -36.10
CA ASN B 172 9.51 26.61 -37.23
C ASN B 172 10.99 26.29 -37.40
N TYR B 173 11.26 25.46 -38.38
CA TYR B 173 12.56 24.91 -38.58
C TYR B 173 13.04 25.25 -40.00
N ARG B 174 14.32 25.59 -40.09
CA ARG B 174 14.98 25.79 -41.38
C ARG B 174 15.46 24.45 -41.96
N ASN B 175 16.05 23.65 -41.09
CA ASN B 175 16.54 22.31 -41.42
C ASN B 175 16.28 21.58 -40.12
N LEU B 176 15.20 20.78 -40.12
CA LEU B 176 14.72 20.14 -38.89
C LEU B 176 15.86 19.56 -38.08
N MET B 177 16.58 18.63 -38.69
CA MET B 177 17.64 17.88 -37.99
C MET B 177 18.81 18.75 -37.52
N ALA B 178 19.19 19.72 -38.34
CA ALA B 178 20.28 20.62 -37.99
C ALA B 178 19.86 21.49 -36.83
N ASP B 179 18.66 22.07 -36.93
CA ASP B 179 18.09 22.81 -35.78
C ASP B 179 17.93 22.00 -34.48
N MET B 180 17.46 20.74 -34.55
CA MET B 180 17.36 19.89 -33.33
C MET B 180 18.73 19.73 -32.67
N ILE B 181 19.75 19.42 -33.48
CA ILE B 181 21.13 19.24 -32.97
C ILE B 181 21.66 20.51 -32.27
N ALA B 182 21.54 21.64 -32.93
CA ALA B 182 21.80 22.94 -32.27
C ALA B 182 21.05 23.11 -30.93
N ASP B 183 19.73 22.92 -30.99
CA ASP B 183 18.90 23.00 -29.78
C ASP B 183 19.41 22.07 -28.70
N LEU B 184 19.72 20.84 -29.07
CA LEU B 184 20.33 19.91 -28.11
C LEU B 184 21.70 20.38 -27.60
N TYR B 185 22.58 20.96 -28.44
CA TYR B 185 23.86 21.47 -27.95
CA TYR B 185 23.84 21.44 -27.94
C TYR B 185 23.63 22.56 -26.93
N ASP B 186 22.63 23.42 -27.13
CA ASP B 186 22.32 24.47 -26.11
C ASP B 186 21.97 23.84 -24.75
N SER B 187 21.27 22.71 -24.75
CA SER B 187 20.97 21.97 -23.51
C SER B 187 22.23 21.37 -22.90
N ILE B 188 23.09 20.83 -23.76
CA ILE B 188 24.34 20.25 -23.29
C ILE B 188 25.26 21.28 -22.62
N LYS B 189 25.33 22.48 -23.21
CA LYS B 189 26.19 23.51 -22.68
C LYS B 189 25.63 23.97 -21.33
N ILE B 190 24.31 24.13 -21.21
CA ILE B 190 23.71 24.43 -19.89
C ILE B 190 24.03 23.34 -18.85
N ALA B 191 23.86 22.09 -19.22
CA ALA B 191 24.21 21.00 -18.30
C ALA B 191 25.68 21.10 -17.87
N LYS B 192 26.59 21.20 -18.83
CA LYS B 192 28.03 21.15 -18.53
C LYS B 192 28.52 22.39 -17.79
N ASP B 193 27.97 23.55 -18.13
CA ASP B 193 28.22 24.79 -17.39
C ASP B 193 27.86 24.67 -15.91
N ALA B 194 26.78 23.93 -15.61
CA ALA B 194 26.36 23.68 -14.23
C ALA B 194 27.22 22.61 -13.53
N GLY B 195 28.01 21.86 -14.31
CA GLY B 195 28.97 20.89 -13.76
C GLY B 195 28.64 19.46 -14.08
N VAL B 196 27.66 19.22 -14.97
CA VAL B 196 27.30 17.84 -15.30
C VAL B 196 28.40 17.27 -16.20
N ARG B 197 28.86 16.07 -15.86
CA ARG B 197 29.91 15.35 -16.58
C ARG B 197 29.30 14.66 -17.80
N ASP B 198 30.08 14.53 -18.88
CA ASP B 198 29.58 13.92 -20.12
C ASP B 198 28.93 12.54 -19.91
N GLU B 199 29.52 11.75 -19.02
CA GLU B 199 29.07 10.40 -18.75
C GLU B 199 27.66 10.41 -18.14
N ASN B 200 27.17 11.57 -17.69
CA ASN B 200 25.80 11.66 -17.15
C ASN B 200 24.81 12.35 -18.06
N ILE B 201 25.21 12.52 -19.31
CA ILE B 201 24.34 13.12 -20.29
C ILE B 201 23.72 12.07 -21.22
N ILE B 202 22.41 12.17 -21.39
CA ILE B 202 21.68 11.38 -22.37
C ILE B 202 20.82 12.33 -23.18
N LEU B 203 20.63 12.04 -24.47
CA LEU B 203 19.80 12.91 -25.31
C LEU B 203 18.53 12.21 -25.78
N ASP B 204 17.52 13.00 -26.06
CA ASP B 204 16.25 12.48 -26.47
C ASP B 204 15.78 13.43 -27.57
N PRO B 205 15.42 12.93 -28.75
CA PRO B 205 14.96 13.79 -29.84
C PRO B 205 13.58 14.42 -29.69
N GLY B 206 12.84 14.05 -28.64
CA GLY B 206 11.56 14.68 -28.36
C GLY B 206 10.59 14.54 -29.50
N ILE B 207 10.51 13.34 -30.06
CA ILE B 207 9.48 12.99 -31.02
C ILE B 207 8.11 13.16 -30.30
N GLY B 208 7.17 13.82 -30.96
CA GLY B 208 5.87 14.08 -30.40
C GLY B 208 5.75 15.40 -29.66
N PHE B 209 6.84 16.16 -29.65
CA PHE B 209 6.86 17.51 -29.08
C PHE B 209 7.41 18.49 -30.08
N ALA B 210 6.73 19.62 -30.20
CA ALA B 210 7.18 20.76 -31.02
C ALA B 210 7.49 20.36 -32.46
N LYS B 211 6.68 19.44 -32.99
CA LYS B 211 6.83 18.92 -34.36
C LYS B 211 5.48 18.57 -34.99
N THR B 212 5.37 18.81 -36.28
CA THR B 212 4.24 18.36 -37.07
C THR B 212 4.38 16.85 -37.26
N PRO B 213 3.29 16.14 -37.53
CA PRO B 213 3.43 14.72 -37.83
C PRO B 213 4.49 14.46 -38.91
N GLU B 214 4.51 15.28 -39.94
CA GLU B 214 5.49 15.16 -41.02
CA GLU B 214 5.51 15.11 -41.01
C GLU B 214 6.92 15.34 -40.47
N GLN B 215 7.09 16.30 -39.58
CA GLN B 215 8.39 16.52 -38.99
C GLN B 215 8.79 15.38 -38.04
N ASN B 216 7.81 14.75 -37.38
CA ASN B 216 8.13 13.56 -36.58
C ASN B 216 8.63 12.39 -37.45
N LEU B 217 8.00 12.19 -38.60
CA LEU B 217 8.43 11.17 -39.55
C LEU B 217 9.82 11.50 -40.01
N GLU B 218 10.10 12.78 -40.22
CA GLU B 218 11.41 13.20 -40.74
C GLU B 218 12.50 12.94 -39.71
N ALA B 219 12.24 13.26 -38.45
CA ALA B 219 13.28 13.07 -37.44
C ALA B 219 13.55 11.58 -37.23
N MET B 220 12.48 10.78 -37.12
CA MET B 220 12.60 9.31 -37.13
C MET B 220 13.47 8.81 -38.30
N ARG B 221 13.21 9.34 -39.48
CA ARG B 221 13.92 8.96 -40.68
C ARG B 221 15.39 9.28 -40.57
N ASN B 222 15.74 10.36 -39.87
CA ASN B 222 17.14 10.81 -39.82
C ASN B 222 17.78 10.76 -38.43
N LEU B 223 17.22 9.92 -37.54
CA LEU B 223 17.69 9.86 -36.15
C LEU B 223 19.18 9.59 -35.99
N GLU B 224 19.76 8.85 -36.91
CA GLU B 224 21.14 8.47 -36.80
C GLU B 224 22.09 9.69 -36.74
N GLN B 225 21.63 10.86 -37.16
CA GLN B 225 22.49 12.02 -37.10
C GLN B 225 22.77 12.44 -35.68
N LEU B 226 21.84 12.19 -34.76
CA LEU B 226 22.05 12.55 -33.37
C LEU B 226 23.31 11.94 -32.79
N ASN B 227 23.67 10.77 -33.31
CA ASN B 227 24.83 10.07 -32.83
C ASN B 227 26.14 10.84 -32.98
N VAL B 228 26.21 11.81 -33.90
CA VAL B 228 27.52 12.47 -34.07
C VAL B 228 27.82 13.32 -32.85
N LEU B 229 26.80 13.64 -32.02
CA LEU B 229 27.07 14.47 -30.85
C LEU B 229 27.86 13.72 -29.77
N GLY B 230 27.86 12.40 -29.83
CA GLY B 230 28.70 11.60 -28.95
C GLY B 230 28.06 11.18 -27.63
N TYR B 231 26.74 11.35 -27.48
CA TYR B 231 26.04 10.88 -26.26
C TYR B 231 25.04 9.78 -26.52
N PRO B 232 24.75 8.96 -25.51
CA PRO B 232 23.68 8.00 -25.66
C PRO B 232 22.36 8.68 -26.01
N VAL B 233 21.56 7.96 -26.80
CA VAL B 233 20.24 8.45 -27.25
C VAL B 233 19.10 7.59 -26.68
N LEU B 234 18.11 8.28 -26.13
CA LEU B 234 16.88 7.69 -25.67
C LEU B 234 15.80 8.10 -26.62
N LEU B 235 15.08 7.12 -27.17
CA LEU B 235 13.89 7.40 -27.98
C LEU B 235 12.57 7.09 -27.28
N GLY B 236 11.65 8.05 -27.32
CA GLY B 236 10.36 7.91 -26.67
C GLY B 236 9.25 8.33 -27.58
N THR B 237 8.69 7.35 -28.26
CA THR B 237 7.66 7.56 -29.24
C THR B 237 6.35 6.88 -28.88
N SER B 238 6.35 6.17 -27.75
CA SER B 238 5.26 5.25 -27.43
C SER B 238 3.89 5.88 -27.49
N ARG B 239 3.06 5.38 -28.41
CA ARG B 239 1.63 5.72 -28.52
C ARG B 239 1.32 7.15 -28.92
N LYS B 240 2.35 7.91 -29.30
CA LYS B 240 2.19 9.33 -29.53
C LYS B 240 1.27 9.62 -30.72
N SER B 241 0.84 10.86 -30.77
CA SER B 241 -0.09 11.30 -31.78
C SER B 241 0.29 10.96 -33.23
N PHE B 242 1.55 11.13 -33.62
CA PHE B 242 1.92 10.96 -35.03
C PHE B 242 1.77 9.53 -35.55
N ILE B 243 1.78 8.56 -34.65
CA ILE B 243 1.47 7.19 -35.02
C ILE B 243 -0.02 7.07 -35.35
N GLY B 244 -0.86 7.66 -34.51
CA GLY B 244 -2.29 7.83 -34.85
C GLY B 244 -2.50 8.52 -36.20
N HIS B 245 -1.72 9.55 -36.47
CA HIS B 245 -1.90 10.30 -37.72
C HIS B 245 -1.62 9.45 -38.94
N VAL B 246 -0.64 8.58 -38.84
CA VAL B 246 -0.28 7.73 -39.96
C VAL B 246 -1.28 6.59 -40.07
N LEU B 247 -1.53 5.88 -38.97
CA LEU B 247 -2.37 4.68 -39.05
C LEU B 247 -3.86 4.92 -38.94
N ASP B 248 -4.27 6.13 -38.58
CA ASP B 248 -5.69 6.43 -38.29
C ASP B 248 -6.23 5.44 -37.25
N LEU B 249 -5.61 5.43 -36.08
CA LEU B 249 -5.87 4.48 -35.03
C LEU B 249 -5.74 5.15 -33.65
N PRO B 250 -6.62 4.79 -32.70
CA PRO B 250 -6.63 5.48 -31.40
C PRO B 250 -5.50 5.07 -30.48
N VAL B 251 -5.33 5.80 -29.39
CA VAL B 251 -4.20 5.65 -28.49
C VAL B 251 -3.98 4.20 -28.02
N GLU B 252 -5.05 3.46 -27.82
CA GLU B 252 -4.96 2.10 -27.32
C GLU B 252 -4.70 1.09 -28.43
N GLU B 253 -4.67 1.52 -29.68
CA GLU B 253 -4.43 0.61 -30.80
C GLU B 253 -3.15 0.98 -31.55
N ARG B 254 -2.12 1.42 -30.81
CA ARG B 254 -0.86 1.94 -31.43
C ARG B 254 0.37 1.12 -31.06
N LEU B 255 0.16 -0.14 -30.77
CA LEU B 255 1.22 -1.03 -30.34
C LEU B 255 2.11 -1.41 -31.54
N GLU B 256 1.49 -1.72 -32.69
CA GLU B 256 2.26 -2.06 -33.89
C GLU B 256 3.03 -0.86 -34.37
N GLY B 257 2.40 0.30 -34.30
CA GLY B 257 3.04 1.52 -34.81
C GLY B 257 4.21 1.91 -33.92
N THR B 258 3.99 1.89 -32.59
CA THR B 258 5.05 2.15 -31.62
C THR B 258 6.20 1.19 -31.91
N GLY B 259 5.88 -0.07 -32.14
CA GLY B 259 6.89 -1.09 -32.38
C GLY B 259 7.74 -0.78 -33.60
N ALA B 260 7.12 -0.34 -34.67
CA ALA B 260 7.89 0.07 -35.83
C ALA B 260 8.83 1.20 -35.45
N THR B 261 8.39 2.15 -34.61
CA THR B 261 9.26 3.28 -34.23
C THR B 261 10.45 2.80 -33.37
N VAL B 262 10.17 1.89 -32.46
CA VAL B 262 11.23 1.29 -31.67
C VAL B 262 12.24 0.58 -32.54
N CYS B 263 11.75 -0.18 -33.51
CA CYS B 263 12.65 -0.96 -34.34
C CYS B 263 13.54 -0.04 -35.15
N LEU B 264 12.97 1.01 -35.74
CA LEU B 264 13.76 1.90 -36.56
C LEU B 264 14.79 2.63 -35.68
N GLY B 265 14.34 3.03 -34.49
CA GLY B 265 15.19 3.78 -33.59
C GLY B 265 16.40 2.96 -33.23
N ILE B 266 16.17 1.68 -33.01
CA ILE B 266 17.27 0.79 -32.60
C ILE B 266 18.21 0.59 -33.75
N GLU B 267 17.67 0.41 -34.94
CA GLU B 267 18.55 0.22 -36.05
C GLU B 267 19.40 1.49 -36.29
N LYS B 268 18.86 2.63 -35.89
CA LYS B 268 19.56 3.91 -35.99
C LYS B 268 20.42 4.24 -34.75
N GLY B 269 20.70 3.24 -33.93
CA GLY B 269 21.71 3.33 -32.87
C GLY B 269 21.29 3.89 -31.53
N CYS B 270 19.99 3.96 -31.26
CA CYS B 270 19.51 4.47 -29.98
CA CYS B 270 19.53 4.47 -29.97
C CYS B 270 19.88 3.46 -28.88
N GLU B 271 20.11 3.96 -27.67
CA GLU B 271 20.54 3.12 -26.54
C GLU B 271 19.40 2.72 -25.55
N PHE B 272 18.38 3.57 -25.42
CA PHE B 272 17.22 3.28 -24.61
C PHE B 272 16.00 3.55 -25.47
N VAL B 273 14.87 2.86 -25.15
CA VAL B 273 13.55 3.30 -25.64
C VAL B 273 12.59 3.38 -24.45
N ARG B 274 11.71 4.38 -24.45
CA ARG B 274 10.82 4.67 -23.34
C ARG B 274 9.41 4.33 -23.76
N VAL B 275 8.82 3.31 -23.14
CA VAL B 275 7.58 2.71 -23.62
C VAL B 275 6.54 2.35 -22.55
N HIS B 276 5.28 2.27 -22.96
CA HIS B 276 4.20 1.81 -22.08
C HIS B 276 4.13 0.28 -22.13
N ASP B 277 4.16 -0.27 -23.35
CA ASP B 277 3.97 -1.71 -23.58
C ASP B 277 5.27 -2.51 -23.47
N VAL B 278 5.66 -2.76 -22.24
CA VAL B 278 6.98 -3.26 -21.94
C VAL B 278 7.23 -4.69 -22.44
N LYS B 279 6.27 -5.57 -22.26
CA LYS B 279 6.46 -6.96 -22.66
C LYS B 279 6.75 -7.05 -24.17
N GLU B 280 5.89 -6.41 -24.95
CA GLU B 280 5.92 -6.45 -26.41
C GLU B 280 7.16 -5.73 -26.96
N MET B 281 7.37 -4.49 -26.56
CA MET B 281 8.55 -3.73 -27.05
C MET B 281 9.85 -4.37 -26.61
N SER B 282 9.84 -4.93 -25.43
CA SER B 282 11.02 -5.61 -24.91
C SER B 282 11.43 -6.80 -25.79
N ARG B 283 10.46 -7.60 -26.23
CA ARG B 283 10.74 -8.67 -27.21
C ARG B 283 11.20 -8.13 -28.58
N MET B 284 10.59 -7.04 -29.02
CA MET B 284 10.97 -6.44 -30.29
C MET B 284 12.41 -5.93 -30.25
N ALA B 285 12.76 -5.25 -29.17
CA ALA B 285 14.09 -4.74 -28.93
C ALA B 285 15.10 -5.88 -28.95
N LYS B 286 14.78 -6.93 -28.21
CA LYS B 286 15.69 -8.06 -28.15
C LYS B 286 15.97 -8.68 -29.54
N MET B 287 14.95 -8.82 -30.36
CA MET B 287 15.13 -9.41 -31.69
C MET B 287 15.96 -8.48 -32.57
N MET B 288 15.69 -7.19 -32.47
CA MET B 288 16.42 -6.17 -33.19
C MET B 288 17.89 -6.20 -32.79
N ASP B 289 18.16 -6.17 -31.48
CA ASP B 289 19.53 -6.26 -30.96
C ASP B 289 20.29 -7.42 -31.58
N ALA B 290 19.63 -8.57 -31.67
CA ALA B 290 20.26 -9.77 -32.21
C ALA B 290 20.53 -9.59 -33.69
N MET B 291 19.58 -9.03 -34.44
CA MET B 291 19.79 -8.87 -35.87
C MET B 291 20.93 -7.88 -36.12
N ILE B 292 20.90 -6.73 -35.47
CA ILE B 292 21.94 -5.74 -35.75
C ILE B 292 23.25 -6.06 -35.06
N GLY B 293 23.26 -7.02 -34.14
CA GLY B 293 24.53 -7.52 -33.56
C GLY B 293 25.03 -6.74 -32.35
N LYS B 294 24.10 -6.12 -31.62
CA LYS B 294 24.40 -5.37 -30.39
C LYS B 294 25.00 -6.29 -29.33
F2 Z13 C . 5.19 -19.40 25.46
F3 Z13 C . 4.38 -19.98 23.57
F4 Z13 C . 5.69 -21.34 24.70
C1 Z13 C . 10.02 -17.84 21.56
N1 Z13 C . 9.72 -16.45 21.45
C2 Z13 C . 10.05 -15.77 22.69
C4 Z13 C . 8.76 -18.32 23.68
C5 Z13 C . 8.89 -18.47 22.27
C6 Z13 C . 7.86 -19.09 21.58
C7 Z13 C . 6.76 -19.63 22.27
C8 Z13 C . 7.68 -18.86 24.34
C15 Z13 C . 6.64 -19.53 23.65
C16 Z13 C . 5.45 -20.08 24.36
S SO4 D . -5.20 -4.26 22.36
O1 SO4 D . -5.31 -3.19 23.36
O2 SO4 D . -5.45 -5.61 22.93
O3 SO4 D . -6.21 -3.89 21.33
O4 SO4 D . -3.83 -4.28 21.79
S SO4 E . -1.04 -12.38 -0.69
O1 SO4 E . -2.39 -11.87 -0.34
O2 SO4 E . -1.15 -13.63 -1.46
O3 SO4 E . -0.40 -11.31 -1.50
O4 SO4 E . -0.14 -12.61 0.47
S SO4 F . 1.33 -2.67 31.72
O1 SO4 F . 0.78 -2.04 32.97
O2 SO4 F . 0.76 -4.00 31.45
O3 SO4 F . 1.00 -1.89 30.50
O4 SO4 F . 2.77 -2.81 31.92
S SO4 G . 3.95 -6.88 17.74
O1 SO4 G . 3.54 -5.81 18.68
O2 SO4 G . 2.79 -7.67 17.28
O3 SO4 G . 4.59 -6.25 16.56
O4 SO4 G . 4.93 -7.79 18.39
F2 Z13 H . 3.34 -5.20 -31.63
F3 Z13 H . 4.17 -7.17 -31.67
F4 Z13 H . 2.86 -6.50 -33.26
C1 Z13 H . -1.52 -8.52 -29.13
N1 Z13 H . -1.99 -7.43 -28.34
C2 Z13 H . -2.88 -6.58 -29.10
C4 Z13 H . -0.52 -7.25 -31.04
C5 Z13 H . -0.35 -8.04 -29.87
C6 Z13 H . 0.94 -8.25 -29.38
C7 Z13 H . 2.05 -7.76 -30.09
C8 Z13 H . 0.58 -6.73 -31.69
C15 Z13 H . 1.91 -6.98 -31.23
C16 Z13 H . 3.09 -6.44 -31.97
S SO4 I . 3.54 9.71 -22.03
O1 SO4 I . 4.02 10.15 -20.69
O2 SO4 I . 2.39 8.77 -21.82
O3 SO4 I . 3.19 10.88 -22.85
O4 SO4 I . 4.61 8.97 -22.73
S SO4 J . 7.60 -8.93 -5.42
O1 SO4 J . 7.02 -9.18 -4.09
O2 SO4 J . 6.52 -9.08 -6.44
O3 SO4 J . 8.19 -7.57 -5.40
O4 SO4 J . 8.67 -9.92 -5.70
S SO4 K . -3.82 11.75 -30.11
O1 SO4 K . -4.98 11.35 -29.27
O2 SO4 K . -4.21 11.67 -31.53
O3 SO4 K . -3.42 13.14 -29.81
O4 SO4 K . -2.69 10.85 -29.77
S SO4 L . -2.27 0.45 -20.22
O1 SO4 L . -3.17 0.00 -19.12
O2 SO4 L . -2.91 0.24 -21.54
O3 SO4 L . -2.03 1.92 -20.07
O4 SO4 L . -1.01 -0.35 -20.16
#